data_1V9O
#
_entry.id   1V9O
#
_cell.length_a   53.198
_cell.length_b   74.612
_cell.length_c   76.691
_cell.angle_alpha   90.00
_cell.angle_beta   90.00
_cell.angle_gamma   90.00
#
_symmetry.space_group_name_H-M   'P 21 21 21'
#
loop_
_entity.id
_entity.type
_entity.pdbx_description
1 polymer 'NITROGEN REGULATORY PROTEIN PII'
2 non-polymer "ADENOSINE-5'-DIPHOSPHATE"
3 water water
#
_entity_poly.entity_id   1
_entity_poly.type   'polypeptide(L)'
_entity_poly.pdbx_seq_one_letter_code
;MKLIVAIVRPEKLNEVLKALFQAEVRGLTLSRVQGHGGETERVETYRGTTVKMELHEKVRLEIGVSEPFVKPTVEAILKA
ARTGEVGDGKIFVLPVEKVYRIRTGEEDEAAVTPVQ
;
_entity_poly.pdbx_strand_id   A,B,C
#
loop_
_chem_comp.id
_chem_comp.type
_chem_comp.name
_chem_comp.formula
ADP non-polymer ADENOSINE-5'-DIPHOSPHATE 'C10 H15 N5 O10 P2'
#
# COMPACT_ATOMS: atom_id res chain seq x y z
N MET A 1 -1.82 10.52 13.24
CA MET A 1 -0.87 9.50 12.70
C MET A 1 -0.88 9.60 11.18
N LYS A 2 0.21 9.15 10.57
CA LYS A 2 0.33 9.19 9.11
C LYS A 2 1.03 7.92 8.65
N LEU A 3 0.81 7.55 7.39
CA LEU A 3 1.45 6.38 6.81
C LEU A 3 2.31 6.89 5.67
N ILE A 4 3.62 6.76 5.81
CA ILE A 4 4.52 7.24 4.77
C ILE A 4 4.90 6.14 3.79
N VAL A 5 4.63 6.38 2.52
CA VAL A 5 4.98 5.42 1.48
C VAL A 5 6.05 6.07 0.61
N ALA A 6 7.23 5.48 0.61
CA ALA A 6 8.35 6.00 -0.16
C ALA A 6 8.88 4.98 -1.17
N ILE A 7 9.07 5.44 -2.40
CA ILE A 7 9.58 4.60 -3.47
C ILE A 7 11.00 5.09 -3.74
N VAL A 8 11.97 4.22 -3.51
CA VAL A 8 13.36 4.60 -3.72
C VAL A 8 14.14 3.59 -4.55
N ARG A 9 15.30 4.03 -5.01
CA ARG A 9 16.22 3.19 -5.79
C ARG A 9 16.78 2.16 -4.84
N PRO A 10 16.92 0.91 -5.30
CA PRO A 10 17.46 -0.14 -4.44
C PRO A 10 18.84 0.23 -3.88
N GLU A 11 19.64 0.87 -4.72
CA GLU A 11 20.99 1.28 -4.34
C GLU A 11 21.02 2.28 -3.20
N LYS A 12 19.91 2.97 -2.99
CA LYS A 12 19.83 3.97 -1.94
C LYS A 12 19.22 3.46 -0.63
N LEU A 13 18.73 2.23 -0.65
CA LEU A 13 18.10 1.65 0.53
C LEU A 13 18.90 1.73 1.83
N ASN A 14 20.10 1.19 1.84
CA ASN A 14 20.90 1.21 3.06
C ASN A 14 21.10 2.61 3.61
N GLU A 15 21.37 3.58 2.73
CA GLU A 15 21.57 4.96 3.17
C GLU A 15 20.29 5.51 3.79
N VAL A 16 19.16 5.15 3.20
CA VAL A 16 17.87 5.61 3.70
C VAL A 16 17.58 5.02 5.07
N LEU A 17 17.77 3.71 5.21
CA LEU A 17 17.53 3.06 6.49
C LEU A 17 18.41 3.68 7.56
N LYS A 18 19.63 4.03 7.18
CA LYS A 18 20.58 4.66 8.09
C LYS A 18 20.03 5.98 8.61
N ALA A 19 19.62 6.84 7.68
CA ALA A 19 19.09 8.16 8.02
C ALA A 19 17.83 8.06 8.87
N LEU A 20 16.99 7.07 8.57
CA LEU A 20 15.76 6.90 9.33
C LEU A 20 16.04 6.51 10.77
N PHE A 21 16.93 5.53 10.97
CA PHE A 21 17.26 5.11 12.33
C PHE A 21 17.88 6.27 13.10
N GLN A 22 18.65 7.08 12.40
CA GLN A 22 19.30 8.24 12.99
C GLN A 22 18.23 9.22 13.47
N ALA A 23 17.16 9.33 12.70
CA ALA A 23 16.06 10.22 13.03
C ALA A 23 15.12 9.63 14.09
N GLU A 24 15.58 8.56 14.73
CA GLU A 24 14.80 7.89 15.77
C GLU A 24 13.62 7.08 15.22
N VAL A 25 13.65 6.79 13.93
CA VAL A 25 12.59 6.00 13.30
C VAL A 25 13.10 4.55 13.39
N ARG A 26 12.20 3.61 13.64
CA ARG A 26 12.65 2.22 13.73
C ARG A 26 11.68 1.21 13.12
N GLY A 27 10.39 1.33 13.45
CA GLY A 27 9.41 0.41 12.91
C GLY A 27 9.05 0.78 11.48
N LEU A 28 9.14 -0.19 10.57
CA LEU A 28 8.81 0.06 9.17
C LEU A 28 8.72 -1.24 8.38
N THR A 29 8.11 -1.15 7.20
CA THR A 29 7.94 -2.31 6.33
C THR A 29 8.43 -1.96 4.93
N LEU A 30 9.04 -2.93 4.25
CA LEU A 30 9.54 -2.66 2.91
C LEU A 30 9.42 -3.86 1.99
N SER A 31 9.36 -3.58 0.69
CA SER A 31 9.27 -4.64 -0.30
C SER A 31 9.79 -4.17 -1.66
N ARG A 32 10.13 -5.13 -2.51
CA ARG A 32 10.65 -4.86 -3.85
C ARG A 32 9.47 -4.76 -4.80
N VAL A 33 9.47 -3.72 -5.63
CA VAL A 33 8.40 -3.52 -6.59
C VAL A 33 9.00 -3.11 -7.92
N GLN A 34 8.14 -3.08 -8.95
CA GLN A 34 8.60 -2.67 -10.27
C GLN A 34 7.89 -1.36 -10.56
N GLY A 35 8.63 -0.37 -11.06
CA GLY A 35 7.98 0.89 -11.33
C GLY A 35 8.54 1.65 -12.52
N HIS A 36 7.94 2.81 -12.76
CA HIS A 36 8.33 3.71 -13.82
C HIS A 36 7.92 5.12 -13.41
N GLY A 37 8.77 6.10 -13.72
CA GLY A 37 8.47 7.48 -13.35
C GLY A 37 7.59 8.21 -14.34
N GLY A 38 7.55 9.53 -14.24
CA GLY A 38 6.72 10.34 -15.14
C GLY A 38 7.34 10.66 -16.49
N GLU A 39 8.50 10.09 -16.79
CA GLU A 39 9.16 10.34 -18.07
C GLU A 39 9.20 9.12 -19.00
N THR A 40 9.65 9.34 -20.23
CA THR A 40 9.76 8.28 -21.23
C THR A 40 10.85 8.61 -22.25
N GLU A 54 10.84 -1.56 -19.67
CA GLU A 54 10.32 -0.22 -19.40
C GLU A 54 10.14 0.04 -17.91
N LEU A 55 10.04 -1.04 -17.13
CA LEU A 55 9.88 -0.92 -15.68
C LEU A 55 11.21 -1.23 -15.00
N HIS A 56 11.43 -0.67 -13.83
CA HIS A 56 12.67 -0.88 -13.10
C HIS A 56 12.39 -1.25 -11.65
N GLU A 57 13.30 -2.00 -11.03
CA GLU A 57 13.09 -2.38 -9.63
C GLU A 57 13.25 -1.18 -8.70
N LYS A 58 12.38 -1.13 -7.69
CA LYS A 58 12.40 -0.07 -6.70
C LYS A 58 12.11 -0.71 -5.36
N VAL A 59 12.42 0.00 -4.29
CA VAL A 59 12.12 -0.48 -2.96
C VAL A 59 11.02 0.41 -2.43
N ARG A 60 9.97 -0.21 -1.92
CA ARG A 60 8.84 0.52 -1.38
C ARG A 60 8.90 0.45 0.14
N LEU A 61 9.02 1.61 0.77
CA LEU A 61 9.06 1.70 2.23
C LEU A 61 7.67 2.11 2.69
N GLU A 62 7.24 1.54 3.80
CA GLU A 62 5.92 1.85 4.36
C GLU A 62 6.17 2.14 5.85
N ILE A 63 6.04 3.40 6.23
CA ILE A 63 6.34 3.81 7.59
C ILE A 63 5.23 4.53 8.35
N GLY A 64 4.72 3.89 9.38
CA GLY A 64 3.69 4.52 10.20
C GLY A 64 4.37 5.41 11.24
N VAL A 65 3.98 6.68 11.31
CA VAL A 65 4.58 7.60 12.25
C VAL A 65 3.55 8.53 12.88
N SER A 66 3.90 9.07 14.05
CA SER A 66 3.02 10.01 14.74
C SER A 66 3.27 11.37 14.11
N GLU A 67 2.34 12.30 14.29
CA GLU A 67 2.48 13.63 13.70
C GLU A 67 3.84 14.31 13.86
N PRO A 68 4.42 14.26 15.07
CA PRO A 68 5.73 14.88 15.31
C PRO A 68 6.88 14.27 14.51
N PHE A 69 6.70 13.04 14.05
CA PHE A 69 7.75 12.37 13.29
C PHE A 69 7.56 12.44 11.76
N VAL A 70 6.51 13.08 11.30
CA VAL A 70 6.28 13.18 9.86
C VAL A 70 7.37 13.97 9.15
N LYS A 71 7.58 15.22 9.56
CA LYS A 71 8.59 16.05 8.93
C LYS A 71 10.01 15.44 9.00
N PRO A 72 10.41 14.93 10.16
CA PRO A 72 11.73 14.32 10.31
C PRO A 72 11.92 13.09 9.42
N THR A 73 10.86 12.29 9.29
CA THR A 73 10.95 11.08 8.48
C THR A 73 11.07 11.44 7.01
N VAL A 74 10.27 12.39 6.57
CA VAL A 74 10.30 12.82 5.19
C VAL A 74 11.66 13.45 4.88
N GLU A 75 12.15 14.27 5.81
CA GLU A 75 13.45 14.92 5.63
C GLU A 75 14.56 13.89 5.44
N ALA A 76 14.54 12.83 6.25
CA ALA A 76 15.56 11.80 6.18
C ALA A 76 15.59 11.09 4.82
N ILE A 77 14.42 10.71 4.33
CA ILE A 77 14.33 10.02 3.05
C ILE A 77 14.76 10.93 1.91
N LEU A 78 14.24 12.16 1.89
CA LEU A 78 14.58 13.11 0.83
C LEU A 78 16.09 13.33 0.73
N LYS A 79 16.73 13.56 1.87
CA LYS A 79 18.17 13.79 1.89
C LYS A 79 18.99 12.58 1.48
N ALA A 80 18.66 11.41 2.01
CA ALA A 80 19.41 10.19 1.72
C ALA A 80 19.12 9.49 0.40
N ALA A 81 17.89 9.54 -0.08
CA ALA A 81 17.54 8.83 -1.31
C ALA A 81 17.82 9.57 -2.61
N ARG A 82 18.24 10.83 -2.52
CA ARG A 82 18.49 11.61 -3.72
C ARG A 82 19.80 11.32 -4.46
N THR A 83 19.70 11.23 -5.78
CA THR A 83 20.86 11.01 -6.64
C THR A 83 20.86 12.19 -7.62
N GLY A 84 19.68 12.79 -7.79
CA GLY A 84 19.53 13.91 -8.69
C GLY A 84 19.19 13.48 -10.10
N GLU A 85 19.19 12.17 -10.33
CA GLU A 85 18.87 11.62 -11.64
C GLU A 85 17.44 11.08 -11.67
N VAL A 86 16.89 10.97 -12.88
CA VAL A 86 15.54 10.45 -13.07
C VAL A 86 15.42 9.04 -12.50
N GLY A 87 14.35 8.80 -11.74
CA GLY A 87 14.15 7.49 -11.15
C GLY A 87 14.29 7.48 -9.65
N ASP A 88 14.58 8.64 -9.08
CA ASP A 88 14.75 8.77 -7.63
C ASP A 88 13.55 8.32 -6.78
N GLY A 89 12.34 8.48 -7.32
CA GLY A 89 11.15 8.06 -6.57
C GLY A 89 10.28 9.17 -6.01
N LYS A 90 9.31 8.78 -5.17
CA LYS A 90 8.40 9.74 -4.55
C LYS A 90 8.03 9.35 -3.13
N ILE A 91 7.53 10.32 -2.37
CA ILE A 91 7.12 10.09 -0.99
C ILE A 91 5.66 10.51 -0.83
N PHE A 92 4.82 9.56 -0.42
CA PHE A 92 3.41 9.83 -0.19
C PHE A 92 3.12 9.82 1.31
N VAL A 93 2.46 10.87 1.80
CA VAL A 93 2.09 10.96 3.20
C VAL A 93 0.58 10.73 3.25
N LEU A 94 0.21 9.56 3.73
CA LEU A 94 -1.20 9.20 3.80
C LEU A 94 -1.82 9.37 5.16
N PRO A 95 -3.07 9.85 5.20
CA PRO A 95 -3.79 10.05 6.46
C PRO A 95 -4.11 8.66 7.02
N VAL A 96 -4.06 8.53 8.33
CA VAL A 96 -4.38 7.28 9.00
C VAL A 96 -5.47 7.57 10.03
N GLU A 97 -6.57 6.83 9.97
CA GLU A 97 -7.67 7.03 10.90
C GLU A 97 -7.26 6.59 12.30
N LYS A 98 -6.62 5.42 12.37
CA LYS A 98 -6.13 4.89 13.64
C LYS A 98 -5.15 3.75 13.38
N VAL A 99 -4.33 3.47 14.39
CA VAL A 99 -3.33 2.41 14.30
C VAL A 99 -3.40 1.58 15.58
N TYR A 100 -3.31 0.27 15.44
CA TYR A 100 -3.34 -0.62 16.60
C TYR A 100 -2.04 -1.39 16.66
N ARG A 101 -1.52 -1.56 17.87
CA ARG A 101 -0.32 -2.35 18.06
C ARG A 101 -0.87 -3.73 18.41
N ILE A 102 -0.56 -4.73 17.62
CA ILE A 102 -1.08 -6.08 17.86
C ILE A 102 -0.71 -6.67 19.23
N ARG A 103 0.55 -6.52 19.63
CA ARG A 103 0.99 -7.08 20.90
C ARG A 103 0.30 -6.54 22.14
N THR A 104 0.13 -5.21 22.20
CA THR A 104 -0.45 -4.58 23.37
C THR A 104 -1.92 -4.18 23.24
N GLY A 105 -2.43 -4.22 22.02
CA GLY A 105 -3.83 -3.84 21.79
C GLY A 105 -4.03 -2.34 21.91
N GLU A 106 -2.92 -1.60 22.02
CA GLU A 106 -3.00 -0.15 22.16
C GLU A 106 -3.37 0.51 20.84
N GLU A 107 -4.22 1.51 20.93
CA GLU A 107 -4.69 2.24 19.75
C GLU A 107 -4.19 3.67 19.75
N ASP A 108 -3.76 4.14 18.59
CA ASP A 108 -3.30 5.52 18.41
C ASP A 108 -4.20 6.18 17.38
N GLU A 109 -4.45 7.47 17.54
CA GLU A 109 -5.32 8.18 16.63
C GLU A 109 -4.89 9.63 16.45
N ALA A 110 -4.18 10.16 17.44
CA ALA A 110 -3.73 11.54 17.40
C ALA A 110 -2.21 11.62 17.21
N MET B 1 -3.34 15.44 -4.40
CA MET B 1 -3.21 14.14 -5.13
C MET B 1 -3.95 13.00 -4.43
N LYS B 2 -4.25 11.96 -5.20
CA LYS B 2 -4.91 10.77 -4.66
C LYS B 2 -4.02 9.58 -4.98
N LEU B 3 -4.21 8.47 -4.27
CA LEU B 3 -3.41 7.28 -4.52
C LEU B 3 -4.35 6.17 -5.00
N ILE B 4 -4.17 5.74 -6.23
CA ILE B 4 -5.03 4.68 -6.75
C ILE B 4 -4.37 3.34 -6.49
N VAL B 5 -5.12 2.42 -5.91
CA VAL B 5 -4.62 1.08 -5.65
C VAL B 5 -5.58 0.14 -6.37
N ALA B 6 -5.10 -0.51 -7.42
CA ALA B 6 -5.92 -1.41 -8.20
C ALA B 6 -5.38 -2.83 -8.14
N ILE B 7 -6.29 -3.79 -7.97
CA ILE B 7 -5.93 -5.21 -7.93
C ILE B 7 -6.53 -5.84 -9.18
N VAL B 8 -5.67 -6.32 -10.08
CA VAL B 8 -6.15 -6.88 -11.33
C VAL B 8 -5.63 -8.29 -11.61
N ARG B 9 -6.26 -8.96 -12.57
CA ARG B 9 -5.87 -10.32 -12.97
C ARG B 9 -4.54 -10.24 -13.70
N PRO B 10 -3.65 -11.20 -13.46
CA PRO B 10 -2.34 -11.18 -14.14
C PRO B 10 -2.46 -11.16 -15.66
N GLU B 11 -3.41 -11.92 -16.20
CA GLU B 11 -3.59 -12.00 -17.65
C GLU B 11 -4.04 -10.68 -18.26
N LYS B 12 -4.47 -9.74 -17.41
CA LYS B 12 -4.93 -8.44 -17.88
C LYS B 12 -3.93 -7.30 -17.72
N LEU B 13 -2.81 -7.58 -17.04
CA LEU B 13 -1.82 -6.54 -16.80
C LEU B 13 -1.32 -5.79 -18.03
N ASN B 14 -0.92 -6.51 -19.07
CA ASN B 14 -0.41 -5.83 -20.26
C ASN B 14 -1.44 -4.90 -20.86
N GLU B 15 -2.69 -5.35 -20.88
CA GLU B 15 -3.77 -4.55 -21.42
C GLU B 15 -3.95 -3.31 -20.54
N VAL B 16 -3.84 -3.49 -19.23
CA VAL B 16 -3.98 -2.38 -18.29
C VAL B 16 -2.85 -1.35 -18.49
N LEU B 17 -1.61 -1.84 -18.55
CA LEU B 17 -0.45 -0.99 -18.74
C LEU B 17 -0.53 -0.23 -20.07
N LYS B 18 -1.03 -0.88 -21.10
CA LYS B 18 -1.15 -0.24 -22.41
C LYS B 18 -2.18 0.89 -22.31
N ALA B 19 -3.28 0.62 -21.61
CA ALA B 19 -4.34 1.62 -21.46
C ALA B 19 -3.84 2.83 -20.68
N LEU B 20 -3.05 2.57 -19.63
CA LEU B 20 -2.52 3.67 -18.83
C LEU B 20 -1.55 4.52 -19.66
N PHE B 21 -0.70 3.85 -20.41
CA PHE B 21 0.28 4.54 -21.25
C PHE B 21 -0.46 5.43 -22.25
N GLN B 22 -1.54 4.91 -22.81
CA GLN B 22 -2.32 5.68 -23.78
C GLN B 22 -3.10 6.82 -23.12
N ALA B 23 -3.37 6.68 -21.83
CA ALA B 23 -4.10 7.72 -21.10
C ALA B 23 -3.13 8.74 -20.51
N GLU B 24 -1.88 8.63 -20.90
CA GLU B 24 -0.83 9.55 -20.45
C GLU B 24 -0.34 9.33 -19.02
N VAL B 25 -0.60 8.16 -18.46
CA VAL B 25 -0.13 7.87 -17.10
C VAL B 25 1.20 7.10 -17.20
N ARG B 26 2.26 7.72 -16.71
CA ARG B 26 3.59 7.10 -16.78
C ARG B 26 4.13 6.66 -15.42
N GLY B 27 3.83 7.43 -14.38
CA GLY B 27 4.33 7.11 -13.05
C GLY B 27 3.48 6.09 -12.30
N LEU B 28 4.07 4.95 -11.99
CA LEU B 28 3.32 3.93 -11.27
C LEU B 28 4.25 2.86 -10.69
N THR B 29 3.71 2.07 -9.76
CA THR B 29 4.45 1.00 -9.13
C THR B 29 3.53 -0.21 -9.14
N LEU B 30 4.10 -1.40 -9.22
CA LEU B 30 3.29 -2.61 -9.22
C LEU B 30 4.06 -3.79 -8.64
N SER B 31 3.32 -4.83 -8.27
CA SER B 31 3.93 -6.01 -7.69
C SER B 31 2.92 -7.12 -7.70
N ARG B 32 3.42 -8.34 -7.53
CA ARG B 32 2.56 -9.51 -7.50
C ARG B 32 2.06 -9.73 -6.08
N VAL B 33 0.81 -10.11 -5.96
CA VAL B 33 0.20 -10.36 -4.66
C VAL B 33 -0.70 -11.57 -4.80
N GLN B 34 -1.22 -12.05 -3.66
CA GLN B 34 -2.16 -13.16 -3.67
C GLN B 34 -3.43 -12.58 -3.06
N GLY B 35 -4.58 -13.07 -3.48
CA GLY B 35 -5.81 -12.55 -2.92
C GLY B 35 -6.97 -13.50 -2.87
N HIS B 36 -8.00 -13.09 -2.13
CA HIS B 36 -9.23 -13.86 -2.00
C HIS B 36 -10.36 -12.89 -2.29
N GLY B 37 -11.39 -13.38 -2.96
CA GLY B 37 -12.51 -12.52 -3.29
C GLY B 37 -13.48 -12.32 -2.14
N MET B 53 -9.14 -20.46 2.16
CA MET B 53 -7.72 -20.77 2.01
C MET B 53 -7.33 -20.60 0.55
N GLU B 54 -8.30 -20.70 -0.35
CA GLU B 54 -8.05 -20.58 -1.78
C GLU B 54 -7.57 -19.17 -2.15
N LEU B 55 -6.26 -19.01 -2.34
CA LEU B 55 -5.71 -17.71 -2.74
C LEU B 55 -5.43 -17.73 -4.23
N HIS B 56 -5.58 -16.58 -4.87
CA HIS B 56 -5.34 -16.48 -6.31
C HIS B 56 -4.31 -15.40 -6.60
N GLU B 57 -3.47 -15.64 -7.60
CA GLU B 57 -2.45 -14.66 -7.95
C GLU B 57 -3.11 -13.45 -8.59
N LYS B 58 -2.65 -12.27 -8.20
CA LYS B 58 -3.18 -11.03 -8.77
C LYS B 58 -2.02 -10.06 -8.91
N VAL B 59 -2.29 -8.89 -9.50
CA VAL B 59 -1.26 -7.88 -9.64
C VAL B 59 -1.82 -6.60 -9.06
N ARG B 60 -1.04 -5.97 -8.19
CA ARG B 60 -1.43 -4.72 -7.53
C ARG B 60 -0.70 -3.53 -8.15
N LEU B 61 -1.44 -2.51 -8.58
CA LEU B 61 -0.81 -1.31 -9.13
C LEU B 61 -1.08 -0.17 -8.16
N GLU B 62 -0.07 0.68 -7.98
CA GLU B 62 -0.18 1.81 -7.07
C GLU B 62 0.19 3.02 -7.91
N ILE B 63 -0.78 3.92 -8.09
CA ILE B 63 -0.60 5.09 -8.93
C ILE B 63 -1.00 6.41 -8.27
N GLY B 64 -0.03 7.31 -8.16
CA GLY B 64 -0.31 8.62 -7.58
C GLY B 64 -0.79 9.50 -8.71
N VAL B 65 -1.98 10.06 -8.57
CA VAL B 65 -2.55 10.92 -9.59
C VAL B 65 -3.28 12.12 -8.99
N SER B 66 -3.12 13.28 -9.63
CA SER B 66 -3.74 14.53 -9.19
C SER B 66 -5.23 14.57 -9.55
N GLU B 67 -6.02 15.04 -8.58
CA GLU B 67 -7.48 15.15 -8.66
C GLU B 67 -8.14 15.24 -10.01
N PRO B 68 -7.73 16.22 -10.84
CA PRO B 68 -8.38 16.33 -12.16
C PRO B 68 -8.33 15.02 -12.98
N PHE B 69 -7.27 14.26 -12.81
CA PHE B 69 -7.10 13.04 -13.60
C PHE B 69 -7.35 11.68 -12.95
N VAL B 70 -7.92 11.70 -11.75
CA VAL B 70 -8.22 10.45 -11.05
C VAL B 70 -9.25 9.65 -11.85
N LYS B 71 -10.38 10.29 -12.15
CA LYS B 71 -11.46 9.66 -12.90
C LYS B 71 -11.00 9.00 -14.21
N PRO B 72 -10.33 9.75 -15.09
CA PRO B 72 -9.86 9.20 -16.37
C PRO B 72 -8.92 8.01 -16.18
N THR B 73 -8.07 8.09 -15.15
CA THR B 73 -7.12 7.01 -14.90
C THR B 73 -7.86 5.77 -14.40
N VAL B 74 -8.79 5.96 -13.47
CA VAL B 74 -9.59 4.85 -12.95
C VAL B 74 -10.36 4.21 -14.10
N GLU B 75 -10.94 5.04 -14.96
CA GLU B 75 -11.71 4.53 -16.09
C GLU B 75 -10.86 3.68 -17.04
N ALA B 76 -9.62 4.10 -17.27
CA ALA B 76 -8.74 3.34 -18.15
C ALA B 76 -8.46 1.95 -17.58
N ILE B 77 -8.29 1.87 -16.27
CA ILE B 77 -8.03 0.59 -15.64
C ILE B 77 -9.30 -0.26 -15.69
N LEU B 78 -10.44 0.34 -15.34
CA LEU B 78 -11.71 -0.37 -15.35
C LEU B 78 -11.97 -1.06 -16.69
N LYS B 79 -11.84 -0.32 -17.78
CA LYS B 79 -12.10 -0.89 -19.10
C LYS B 79 -11.12 -2.00 -19.50
N ALA B 80 -9.84 -1.78 -19.25
CA ALA B 80 -8.80 -2.73 -19.61
C ALA B 80 -8.72 -4.00 -18.74
N ALA B 81 -9.10 -3.87 -17.46
CA ALA B 81 -9.02 -4.99 -16.53
C ALA B 81 -10.25 -5.90 -16.47
N ARG B 82 -11.35 -5.44 -17.06
CA ARG B 82 -12.60 -6.20 -17.01
C ARG B 82 -12.73 -7.44 -17.88
N THR B 83 -13.38 -8.47 -17.33
CA THR B 83 -13.65 -9.71 -18.05
C THR B 83 -15.14 -10.00 -17.89
N GLY B 84 -15.73 -9.43 -16.85
CA GLY B 84 -17.15 -9.63 -16.60
C GLY B 84 -17.37 -10.80 -15.66
N GLU B 85 -16.29 -11.52 -15.35
CA GLU B 85 -16.38 -12.66 -14.46
C GLU B 85 -15.96 -12.32 -13.03
N VAL B 86 -16.51 -13.04 -12.07
CA VAL B 86 -16.17 -12.84 -10.67
C VAL B 86 -14.65 -13.03 -10.56
N GLY B 87 -13.99 -12.13 -9.84
CA GLY B 87 -12.55 -12.23 -9.68
C GLY B 87 -11.78 -11.10 -10.37
N ASP B 88 -12.51 -10.17 -11.00
CA ASP B 88 -11.88 -9.07 -11.71
C ASP B 88 -11.09 -8.12 -10.82
N GLY B 89 -11.48 -8.03 -9.55
CA GLY B 89 -10.75 -7.15 -8.64
C GLY B 89 -11.45 -5.85 -8.32
N LYS B 90 -10.72 -4.95 -7.68
CA LYS B 90 -11.29 -3.65 -7.29
C LYS B 90 -10.26 -2.54 -7.38
N ILE B 91 -10.74 -1.31 -7.37
CA ILE B 91 -9.86 -0.16 -7.42
C ILE B 91 -10.19 0.74 -6.24
N PHE B 92 -9.19 1.05 -5.43
CA PHE B 92 -9.38 1.93 -4.28
C PHE B 92 -8.75 3.29 -4.56
N VAL B 93 -9.42 4.35 -4.14
CA VAL B 93 -8.87 5.70 -4.34
C VAL B 93 -8.70 6.27 -2.94
N LEU B 94 -7.45 6.44 -2.55
CA LEU B 94 -7.13 6.93 -1.21
C LEU B 94 -6.69 8.38 -1.21
N PRO B 95 -7.03 9.11 -0.14
CA PRO B 95 -6.61 10.51 -0.10
C PRO B 95 -5.12 10.54 0.25
N VAL B 96 -4.42 11.58 -0.20
CA VAL B 96 -3.01 11.75 0.12
C VAL B 96 -2.86 13.15 0.71
N GLU B 97 -2.29 13.23 1.90
CA GLU B 97 -2.12 14.54 2.56
C GLU B 97 -1.02 15.34 1.89
N LYS B 98 0.10 14.69 1.62
CA LYS B 98 1.22 15.36 0.96
C LYS B 98 2.04 14.39 0.12
N VAL B 99 2.69 14.92 -0.91
CA VAL B 99 3.51 14.10 -1.79
C VAL B 99 4.76 14.91 -2.15
N TYR B 100 5.91 14.22 -2.20
CA TYR B 100 7.18 14.86 -2.52
C TYR B 100 7.93 14.11 -3.61
N ARG B 101 8.64 14.87 -4.45
CA ARG B 101 9.46 14.28 -5.51
C ARG B 101 10.85 14.17 -4.91
N ILE B 102 11.41 12.96 -4.89
CA ILE B 102 12.73 12.77 -4.30
C ILE B 102 13.84 13.42 -5.13
N ARG B 103 13.72 13.36 -6.44
CA ARG B 103 14.75 13.95 -7.31
C ARG B 103 15.02 15.42 -6.99
N THR B 104 13.99 16.14 -6.57
CA THR B 104 14.15 17.55 -6.28
C THR B 104 13.75 17.98 -4.87
N GLY B 105 13.07 17.10 -4.14
CA GLY B 105 12.61 17.43 -2.80
C GLY B 105 11.28 18.18 -2.87
N GLU B 106 10.89 18.57 -4.08
CA GLU B 106 9.66 19.32 -4.34
C GLU B 106 8.41 18.79 -3.62
N GLU B 107 7.75 19.67 -2.88
CA GLU B 107 6.56 19.32 -2.12
C GLU B 107 5.39 18.84 -2.98
N ASP B 108 5.66 18.48 -4.23
CA ASP B 108 4.62 17.99 -5.13
C ASP B 108 5.16 17.79 -6.54
N MET C 1 -16.26 3.41 3.39
CA MET C 1 -15.22 2.35 3.16
C MET C 1 -13.91 2.73 3.85
N LYS C 2 -13.19 1.72 4.32
CA LYS C 2 -11.89 1.94 4.95
C LYS C 2 -10.94 0.88 4.38
N LEU C 3 -9.64 1.17 4.38
CA LEU C 3 -8.68 0.19 3.89
C LEU C 3 -7.80 -0.19 5.07
N ILE C 4 -7.89 -1.45 5.46
CA ILE C 4 -7.11 -1.94 6.58
C ILE C 4 -5.83 -2.57 6.06
N VAL C 5 -4.70 -2.13 6.61
CA VAL C 5 -3.39 -2.66 6.24
C VAL C 5 -2.81 -3.22 7.52
N ALA C 6 -2.63 -4.54 7.55
CA ALA C 6 -2.08 -5.19 8.73
C ALA C 6 -0.77 -5.92 8.42
N ILE C 7 0.17 -5.83 9.35
CA ILE C 7 1.47 -6.49 9.23
C ILE C 7 1.53 -7.56 10.30
N VAL C 8 1.61 -8.81 9.89
CA VAL C 8 1.63 -9.92 10.84
C VAL C 8 2.76 -10.92 10.59
N ARG C 9 3.00 -11.80 11.55
CA ARG C 9 4.04 -12.81 11.43
C ARG C 9 3.61 -13.88 10.43
N PRO C 10 4.53 -14.32 9.56
CA PRO C 10 4.17 -15.34 8.58
C PRO C 10 3.57 -16.56 9.28
N GLU C 11 4.15 -16.91 10.41
CA GLU C 11 3.70 -18.07 11.18
C GLU C 11 2.28 -17.94 11.72
N LYS C 12 1.74 -16.73 11.74
CA LYS C 12 0.39 -16.53 12.23
C LYS C 12 -0.61 -16.30 11.09
N LEU C 13 -0.12 -16.21 9.86
CA LEU C 13 -1.00 -15.96 8.72
C LEU C 13 -2.21 -16.89 8.60
N ASN C 14 -1.96 -18.20 8.61
CA ASN C 14 -3.07 -19.15 8.49
C ASN C 14 -4.15 -18.91 9.53
N GLU C 15 -3.73 -18.70 10.77
CA GLU C 15 -4.66 -18.45 11.86
C GLU C 15 -5.42 -17.14 11.58
N VAL C 16 -4.71 -16.12 11.12
CA VAL C 16 -5.33 -14.85 10.80
C VAL C 16 -6.40 -15.00 9.70
N LEU C 17 -6.04 -15.66 8.60
CA LEU C 17 -6.99 -15.83 7.51
C LEU C 17 -8.24 -16.60 7.98
N LYS C 18 -8.03 -17.63 8.79
CA LYS C 18 -9.16 -18.42 9.29
C LYS C 18 -10.09 -17.53 10.10
N ALA C 19 -9.50 -16.69 10.95
CA ALA C 19 -10.25 -15.77 11.78
C ALA C 19 -11.06 -14.78 10.94
N LEU C 20 -10.44 -14.25 9.89
CA LEU C 20 -11.13 -13.30 9.03
C LEU C 20 -12.30 -13.98 8.34
N PHE C 21 -12.06 -15.17 7.81
CA PHE C 21 -13.10 -15.93 7.14
C PHE C 21 -14.26 -16.13 8.11
N GLN C 22 -13.94 -16.55 9.33
CA GLN C 22 -14.95 -16.78 10.36
C GLN C 22 -15.79 -15.53 10.60
N ALA C 23 -15.14 -14.37 10.57
CA ALA C 23 -15.84 -13.10 10.81
C ALA C 23 -16.57 -12.59 9.56
N GLU C 24 -16.63 -13.42 8.53
CA GLU C 24 -17.32 -13.09 7.28
C GLU C 24 -16.55 -12.10 6.41
N VAL C 25 -15.24 -11.98 6.64
CA VAL C 25 -14.42 -11.07 5.84
C VAL C 25 -13.74 -11.91 4.75
N ARG C 26 -14.17 -11.73 3.51
CA ARG C 26 -13.62 -12.52 2.40
C ARG C 26 -12.66 -11.79 1.45
N GLY C 27 -12.98 -10.56 1.08
CA GLY C 27 -12.11 -9.83 0.18
C GLY C 27 -10.85 -9.32 0.86
N LEU C 28 -9.68 -9.74 0.36
CA LEU C 28 -8.41 -9.30 0.92
C LEU C 28 -7.27 -9.57 -0.04
N THR C 29 -6.18 -8.82 0.12
CA THR C 29 -4.99 -8.98 -0.71
C THR C 29 -3.80 -9.05 0.23
N LEU C 30 -2.85 -9.92 -0.07
CA LEU C 30 -1.69 -10.03 0.78
C LEU C 30 -0.40 -10.21 0.01
N SER C 31 0.69 -9.72 0.60
CA SER C 31 2.00 -9.85 -0.01
C SER C 31 3.00 -10.12 1.10
N ARG C 32 4.16 -10.63 0.71
CA ARG C 32 5.22 -10.93 1.65
C ARG C 32 6.16 -9.74 1.64
N VAL C 33 6.55 -9.30 2.83
CA VAL C 33 7.43 -8.15 2.95
C VAL C 33 8.51 -8.40 4.00
N GLN C 34 9.37 -7.42 4.18
CA GLN C 34 10.44 -7.49 5.18
C GLN C 34 10.20 -6.32 6.12
N GLY C 35 10.42 -6.51 7.41
CA GLY C 35 10.21 -5.42 8.34
C GLY C 35 11.20 -5.31 9.48
N HIS C 36 11.19 -4.15 10.13
CA HIS C 36 12.08 -3.88 11.26
C HIS C 36 11.30 -3.19 12.37
N LEU C 55 16.02 -6.55 9.74
CA LEU C 55 14.86 -6.90 8.92
C LEU C 55 14.45 -8.36 9.08
N HIS C 56 13.14 -8.59 9.19
CA HIS C 56 12.57 -9.92 9.34
C HIS C 56 11.38 -10.07 8.39
N GLU C 57 11.10 -11.28 7.94
CA GLU C 57 9.99 -11.48 7.01
C GLU C 57 8.63 -11.28 7.70
N LYS C 58 7.70 -10.66 6.97
CA LYS C 58 6.36 -10.42 7.48
C LYS C 58 5.35 -10.54 6.35
N VAL C 59 4.07 -10.61 6.71
CA VAL C 59 3.00 -10.67 5.72
C VAL C 59 2.17 -9.41 5.88
N ARG C 60 1.89 -8.77 4.75
CA ARG C 60 1.10 -7.55 4.70
C ARG C 60 -0.26 -7.86 4.07
N LEU C 61 -1.33 -7.56 4.81
CA LEU C 61 -2.68 -7.79 4.30
C LEU C 61 -3.34 -6.44 4.09
N GLU C 62 -4.05 -6.31 2.97
CA GLU C 62 -4.78 -5.07 2.68
C GLU C 62 -6.21 -5.53 2.50
N ILE C 63 -7.10 -5.01 3.35
CA ILE C 63 -8.48 -5.43 3.32
C ILE C 63 -9.42 -4.25 3.21
N GLY C 64 -10.15 -4.16 2.10
CA GLY C 64 -11.09 -3.07 1.91
C GLY C 64 -12.39 -3.51 2.54
N VAL C 65 -12.93 -2.71 3.45
CA VAL C 65 -14.16 -3.08 4.16
C VAL C 65 -15.14 -1.93 4.29
N SER C 66 -16.43 -2.26 4.41
CA SER C 66 -17.44 -1.24 4.61
C SER C 66 -17.30 -0.85 6.08
N GLU C 67 -17.81 0.32 6.45
CA GLU C 67 -17.71 0.80 7.83
C GLU C 67 -18.07 -0.19 8.92
N PRO C 68 -19.17 -0.95 8.75
CA PRO C 68 -19.57 -1.91 9.79
C PRO C 68 -18.58 -3.06 10.00
N PHE C 69 -17.71 -3.30 9.02
CA PHE C 69 -16.75 -4.38 9.15
C PHE C 69 -15.35 -3.96 9.62
N VAL C 70 -15.15 -2.68 9.92
CA VAL C 70 -13.84 -2.25 10.38
C VAL C 70 -13.47 -2.93 11.70
N LYS C 71 -14.27 -2.73 12.74
CA LYS C 71 -13.98 -3.34 14.03
C LYS C 71 -13.85 -4.86 13.97
N PRO C 72 -14.83 -5.54 13.36
CA PRO C 72 -14.75 -7.00 13.26
C PRO C 72 -13.45 -7.48 12.61
N THR C 73 -13.04 -6.78 11.55
CA THR C 73 -11.81 -7.14 10.85
C THR C 73 -10.59 -6.90 11.72
N VAL C 74 -10.51 -5.71 12.33
CA VAL C 74 -9.40 -5.39 13.19
C VAL C 74 -9.30 -6.39 14.35
N GLU C 75 -10.43 -6.69 14.97
CA GLU C 75 -10.42 -7.63 16.09
C GLU C 75 -10.02 -9.04 15.72
N ALA C 76 -10.45 -9.51 14.55
CA ALA C 76 -10.09 -10.85 14.11
C ALA C 76 -8.57 -10.96 14.05
N ILE C 77 -7.93 -9.93 13.52
CA ILE C 77 -6.47 -9.91 13.38
C ILE C 77 -5.77 -9.76 14.74
N LEU C 78 -6.22 -8.82 15.55
CA LEU C 78 -5.61 -8.63 16.86
C LEU C 78 -5.54 -9.94 17.62
N LYS C 79 -6.66 -10.63 17.67
CA LYS C 79 -6.72 -11.88 18.42
C LYS C 79 -5.89 -13.02 17.83
N ALA C 80 -5.97 -13.20 16.51
CA ALA C 80 -5.24 -14.29 15.85
C ALA C 80 -3.74 -14.08 15.64
N ALA C 81 -3.33 -12.83 15.50
CA ALA C 81 -1.93 -12.51 15.24
C ALA C 81 -1.01 -12.31 16.45
N ARG C 82 -1.58 -12.07 17.63
CA ARG C 82 -0.75 -11.83 18.80
C ARG C 82 -0.04 -13.08 19.34
N THR C 83 1.19 -12.89 19.80
CA THR C 83 1.99 -13.97 20.39
C THR C 83 2.49 -13.48 21.75
N GLY C 84 2.50 -12.16 21.93
CA GLY C 84 2.98 -11.59 23.17
C GLY C 84 4.43 -11.12 23.07
N GLU C 85 5.13 -11.50 22.01
CA GLU C 85 6.52 -11.08 21.84
C GLU C 85 6.65 -9.91 20.89
N VAL C 86 7.59 -9.02 21.17
CA VAL C 86 7.83 -7.87 20.32
C VAL C 86 7.99 -8.36 18.88
N GLY C 87 7.33 -7.69 17.95
CA GLY C 87 7.40 -8.08 16.55
C GLY C 87 6.08 -8.58 16.00
N ASP C 88 5.04 -8.58 16.84
CA ASP C 88 3.72 -9.05 16.45
C ASP C 88 3.09 -8.23 15.33
N GLY C 89 3.51 -6.97 15.18
CA GLY C 89 2.97 -6.15 14.11
C GLY C 89 2.02 -5.04 14.49
N LYS C 90 1.43 -4.44 13.46
CA LYS C 90 0.49 -3.32 13.61
C LYS C 90 -0.66 -3.39 12.61
N ILE C 91 -1.72 -2.63 12.89
CA ILE C 91 -2.87 -2.59 12.01
C ILE C 91 -3.25 -1.14 11.76
N PHE C 92 -3.17 -0.68 10.51
CA PHE C 92 -3.54 0.69 10.17
C PHE C 92 -4.93 0.70 9.52
N VAL C 93 -5.73 1.71 9.85
CA VAL C 93 -7.05 1.86 9.26
C VAL C 93 -6.97 3.15 8.48
N LEU C 94 -7.07 3.04 7.15
CA LEU C 94 -6.97 4.21 6.27
C LEU C 94 -8.28 4.63 5.63
N PRO C 95 -8.46 5.95 5.43
CA PRO C 95 -9.69 6.42 4.81
C PRO C 95 -9.60 6.03 3.34
N VAL C 96 -10.74 5.77 2.73
CA VAL C 96 -10.81 5.44 1.33
C VAL C 96 -11.85 6.40 0.77
N GLU C 97 -11.51 7.11 -0.30
CA GLU C 97 -12.48 8.05 -0.85
C GLU C 97 -13.51 7.38 -1.75
N LYS C 98 -13.05 6.45 -2.59
CA LYS C 98 -13.93 5.73 -3.50
C LYS C 98 -13.40 4.34 -3.77
N VAL C 99 -14.31 3.43 -4.07
CA VAL C 99 -13.95 2.05 -4.39
C VAL C 99 -14.79 1.64 -5.61
N TYR C 100 -14.15 0.98 -6.57
CA TYR C 100 -14.85 0.53 -7.77
C TYR C 100 -14.71 -0.97 -7.96
N ARG C 101 -15.77 -1.61 -8.46
CA ARG C 101 -15.75 -3.04 -8.72
C ARG C 101 -15.42 -3.18 -10.20
N ILE C 102 -14.27 -3.75 -10.50
CA ILE C 102 -13.86 -3.89 -11.89
C ILE C 102 -14.85 -4.70 -12.73
N ARG C 103 -15.35 -5.79 -12.17
CA ARG C 103 -16.29 -6.66 -12.87
C ARG C 103 -17.46 -5.92 -13.51
N THR C 104 -18.04 -4.98 -12.78
CA THR C 104 -19.20 -4.22 -13.29
C THR C 104 -18.85 -2.81 -13.71
N GLY C 105 -17.64 -2.37 -13.35
CA GLY C 105 -17.22 -1.03 -13.67
C GLY C 105 -18.00 0.00 -12.89
N GLU C 106 -18.69 -0.45 -11.84
CA GLU C 106 -19.49 0.44 -11.01
C GLU C 106 -18.84 0.69 -9.65
N GLU C 107 -19.19 1.81 -9.03
CA GLU C 107 -18.65 2.17 -7.73
C GLU C 107 -19.20 1.27 -6.63
N ASP C 108 -18.30 0.75 -5.79
CA ASP C 108 -18.69 -0.13 -4.67
C ASP C 108 -19.20 -1.49 -5.13
PB ADP D . 12.33 11.23 -11.07
O1B ADP D . 12.90 11.62 -12.39
O2B ADP D . 13.42 11.33 -9.88
O3B ADP D . 11.10 12.18 -10.64
PA ADP D . 10.64 9.30 -10.00
O1A ADP D . 10.87 10.06 -8.75
O2A ADP D . 9.33 9.44 -10.66
O3A ADP D . 11.78 9.73 -11.05
O5' ADP D . 10.94 7.75 -9.73
C5' ADP D . 10.23 6.76 -10.47
C4' ADP D . 9.73 5.61 -9.59
O4' ADP D . 9.00 6.07 -8.44
C3' ADP D . 8.77 4.75 -10.41
O3' ADP D . 9.52 3.70 -11.03
C2' ADP D . 7.91 4.17 -9.29
O2' ADP D . 8.61 3.16 -8.58
C1' ADP D . 7.72 5.41 -8.42
N9 ADP D . 6.70 6.35 -8.94
C8 ADP D . 6.94 7.45 -9.65
N7 ADP D . 5.80 8.09 -9.89
C5 ADP D . 4.82 7.39 -9.33
C6 ADP D . 3.44 7.55 -9.25
N6 ADP D . 2.84 8.60 -9.79
N1 ADP D . 2.72 6.61 -8.59
C2 ADP D . 3.30 5.56 -8.04
N3 ADP D . 4.61 5.39 -8.10
C4 ADP D . 5.39 6.27 -8.73
PB ADP E . -14.58 -12.36 -6.03
O1B ADP E . -14.49 -13.83 -5.95
O2B ADP E . -15.88 -11.84 -6.84
O3B ADP E . -14.66 -11.64 -4.59
PA ADP E . -13.02 -10.12 -6.67
O1A ADP E . -13.01 -9.56 -8.04
O2A ADP E . -13.96 -9.53 -5.69
O3A ADP E . -13.32 -11.70 -6.80
O5' ADP E . -11.54 -10.08 -6.06
C5' ADP E . -10.38 -10.33 -6.87
C4' ADP E . -9.12 -9.89 -6.11
O4' ADP E . -9.24 -8.51 -5.73
C3' ADP E . -9.01 -10.67 -4.80
O3' ADP E . -8.31 -11.88 -5.04
C2' ADP E . -8.11 -9.71 -4.01
O2' ADP E . -6.76 -9.78 -4.48
C1' ADP E . -8.71 -8.36 -4.39
N9 ADP E . -9.83 -7.98 -3.51
C8 ADP E . -11.13 -8.20 -3.72
N7 ADP E . -11.85 -7.62 -2.75
C5 ADP E . -11.00 -7.04 -1.91
C6 ADP E . -11.13 -6.29 -0.75
N6 ADP E . -12.34 -6.01 -0.25
N1 ADP E . -10.04 -5.83 -0.14
C2 ADP E . -8.82 -6.08 -0.62
N3 ADP E . -8.66 -6.79 -1.72
C4 ADP E . -9.72 -7.28 -2.38
PB ADP F . 5.63 -5.26 18.56
O1B ADP F . 5.17 -6.57 19.07
O2B ADP F . 4.66 -4.05 19.00
O3B ADP F . 7.09 -4.86 19.09
PA ADP F . 6.88 -4.43 16.19
O1A ADP F . 6.79 -3.01 16.61
O2A ADP F . 8.14 -5.15 16.40
O3A ADP F . 5.69 -5.22 16.94
O5' ADP F . 6.47 -4.52 14.63
C5' ADP F . 6.65 -5.74 13.90
C4' ADP F . 6.56 -5.48 12.39
O4' ADP F . 5.38 -4.73 12.04
C3' ADP F . 7.74 -4.64 11.86
O3' ADP F . 8.85 -5.51 11.61
C2' ADP F . 7.12 -4.21 10.53
O2' ADP F . 7.00 -5.33 9.66
C1' ADP F . 5.74 -3.77 11.03
N9 ADP F . 5.82 -2.43 11.65
C8 ADP F . 6.02 -2.16 12.94
N7 ADP F . 6.00 -0.85 13.14
C5 ADP F . 5.79 -0.26 11.96
C6 ADP F . 5.66 1.06 11.53
N6 ADP F . 5.73 2.06 12.40
N1 ADP F . 5.44 1.30 10.23
C2 ADP F . 5.35 0.32 9.35
N3 ADP F . 5.46 -0.95 9.73
C4 ADP F . 5.68 -1.27 11.01
#